data_3SN1
#
_entry.id   3SN1
#
_cell.length_a   104.932
_cell.length_b   104.932
_cell.length_c   145.145
_cell.angle_alpha   90.000
_cell.angle_beta   90.000
_cell.angle_gamma   90.000
#
_symmetry.space_group_name_H-M   'I 4 2 2'
#
loop_
_entity.id
_entity.type
_entity.pdbx_description
1 polymer 'putative L-alanine-DL-glutamate epimerase'
2 non-polymer 'MAGNESIUM ION'
3 non-polymer 'D(-)-TARTARIC ACID'
4 non-polymer 'CHLORIDE ION'
5 water water
#
_entity_poly.entity_id   1
_entity_poly.type   'polypeptide(L)'
_entity_poly.pdbx_seq_one_letter_code
;(MSE)SLKVVSVDTLCCDAGWRNYHFVKLTTDEGIVGWSEFDEGFGSPGVTAVIEQLGKRLVGASV(MSE)EHERFFAEA
YCLTRPATGGVVSEGIGAIENALLDAKAKTLNVPCYELLGGKLRDRVPVYWSHCPTWRINHPKFFGPPVTDLDGVKRTAE
EARERQFRAIKTNIFIHDDGPLHAWRPGFAVPFQPALNVDRKVLRNLRAHLEALRDGAGPDVEILLDLNFNAKPEGYLKI
LRELADFDLFWVEIDSYSPQGLAYVRNHSPHPISSCETLFGIREFKPFFDANAVDVAIVDTIWNGVWQS(MSE)KIAAFA
DAHDINVAPHNFYGHLCT(MSE)INANFAAAVPNLRI(MSE)ETDIDRLAWEDELFTHAPEYQNGELIIPDRPGWGTDPV
EEAILAHPPKV(MSE)GGLLQYKRSEGHHHHHH
;
_entity_poly.pdbx_strand_id   A
#
# COMPACT_ATOMS: atom_id res chain seq x y z
N SER A 2 -14.18 22.45 23.47
CA SER A 2 -14.75 23.12 22.28
C SER A 2 -14.92 22.17 21.09
N LEU A 3 -14.20 21.05 21.11
CA LEU A 3 -14.05 20.10 20.00
C LEU A 3 -13.45 20.73 18.73
N LYS A 4 -12.86 21.91 18.86
CA LYS A 4 -12.25 22.56 17.70
C LYS A 4 -10.85 21.99 17.44
N VAL A 5 -10.46 21.98 16.17
CA VAL A 5 -9.08 21.69 15.78
C VAL A 5 -8.26 22.93 16.11
N VAL A 6 -7.16 22.76 16.84
CA VAL A 6 -6.30 23.89 17.20
C VAL A 6 -5.10 24.04 16.26
N SER A 7 -4.58 22.92 15.78
CA SER A 7 -3.41 22.88 14.91
C SER A 7 -3.34 21.65 14.00
N VAL A 8 -2.74 21.85 12.84
CA VAL A 8 -2.47 20.79 11.90
C VAL A 8 -1.01 20.98 11.51
N ASP A 9 -0.19 20.00 11.83
CA ASP A 9 1.22 20.06 11.46
C ASP A 9 1.64 18.83 10.70
N THR A 10 2.75 18.93 9.97
CA THR A 10 3.34 17.75 9.30
C THR A 10 4.73 17.49 9.88
N LEU A 11 5.09 16.22 9.96
CA LEU A 11 6.41 15.80 10.41
C LEU A 11 6.96 14.82 9.38
N CYS A 12 8.26 14.62 9.40
CA CYS A 12 8.93 13.77 8.40
C CYS A 12 10.15 13.11 9.04
N CYS A 13 10.40 11.83 8.73
CA CYS A 13 11.61 11.15 9.20
C CYS A 13 12.17 10.18 8.16
N ASP A 14 13.43 9.82 8.37
CA ASP A 14 14.16 8.87 7.53
C ASP A 14 13.53 7.48 7.56
N ALA A 15 13.30 6.90 6.38
CA ALA A 15 12.95 5.50 6.23
C ALA A 15 13.93 4.80 5.24
N GLY A 16 15.15 5.32 5.20
CA GLY A 16 16.29 4.67 4.56
C GLY A 16 16.48 5.14 3.12
N TRP A 17 15.63 4.64 2.25
CA TRP A 17 15.64 4.94 0.81
C TRP A 17 14.47 5.82 0.42
N ARG A 18 13.69 6.19 1.44
CA ARG A 18 12.54 7.07 1.33
C ARG A 18 12.30 7.66 2.72
N ASN A 19 11.44 8.66 2.80
CA ASN A 19 11.00 9.20 4.10
C ASN A 19 9.61 8.76 4.43
N TYR A 20 9.31 8.75 5.72
CA TYR A 20 7.93 8.69 6.17
C TYR A 20 7.46 10.11 6.49
N HIS A 21 6.19 10.37 6.25
CA HIS A 21 5.57 11.64 6.62
C HIS A 21 4.36 11.39 7.50
N PHE A 22 4.04 12.38 8.32
CA PHE A 22 2.92 12.30 9.26
C PHE A 22 2.15 13.61 9.33
N VAL A 23 0.83 13.50 9.55
CA VAL A 23 -0.03 14.62 9.94
C VAL A 23 -0.30 14.48 11.43
N LYS A 24 -0.12 15.59 12.15
CA LYS A 24 -0.37 15.69 13.58
C LYS A 24 -1.44 16.77 13.76
N LEU A 25 -2.60 16.37 14.27
CA LEU A 25 -3.74 17.27 14.43
C LEU A 25 -4.04 17.32 15.93
N THR A 26 -4.14 18.52 16.49
CA THR A 26 -4.43 18.67 17.92
CA THR A 26 -4.45 18.65 17.92
C THR A 26 -5.78 19.36 18.11
N THR A 27 -6.55 18.90 19.09
CA THR A 27 -7.83 19.51 19.39
C THR A 27 -7.75 20.39 20.64
N ASP A 28 -8.81 21.15 20.87
CA ASP A 28 -8.87 22.05 22.03
C ASP A 28 -8.80 21.28 23.34
N GLU A 29 -9.24 20.01 23.32
CA GLU A 29 -9.22 19.14 24.50
C GLU A 29 -7.84 18.49 24.71
N GLY A 30 -6.89 18.73 23.81
CA GLY A 30 -5.56 18.14 23.92
C GLY A 30 -5.41 16.77 23.29
N ILE A 31 -6.43 16.30 22.59
CA ILE A 31 -6.33 15.04 21.87
C ILE A 31 -5.47 15.25 20.63
N VAL A 32 -4.60 14.28 20.33
CA VAL A 32 -3.78 14.32 19.12
C VAL A 32 -4.18 13.19 18.18
N GLY A 33 -4.53 13.55 16.96
CA GLY A 33 -4.83 12.60 15.90
C GLY A 33 -3.68 12.57 14.91
N TRP A 34 -3.31 11.38 14.48
CA TRP A 34 -2.19 11.18 13.59
C TRP A 34 -2.60 10.43 12.33
N SER A 35 -1.90 10.72 11.25
CA SER A 35 -1.92 9.87 10.06
C SER A 35 -0.50 9.78 9.52
N GLU A 36 -0.28 8.80 8.66
CA GLU A 36 0.98 8.69 7.93
C GLU A 36 0.65 8.87 6.47
N PHE A 37 1.52 9.56 5.74
CA PHE A 37 1.42 9.69 4.29
C PHE A 37 2.78 9.55 3.62
N ASP A 38 2.78 9.61 2.30
CA ASP A 38 3.98 9.32 1.55
C ASP A 38 4.12 10.30 0.39
N GLU A 39 5.37 10.67 0.09
CA GLU A 39 5.67 11.45 -1.12
C GLU A 39 6.52 10.71 -2.14
N GLY A 40 7.21 9.66 -1.69
CA GLY A 40 8.22 9.01 -2.52
C GLY A 40 7.64 8.23 -3.69
N PHE A 41 6.41 7.78 -3.53
CA PHE A 41 5.73 7.02 -4.57
C PHE A 41 5.10 7.99 -5.58
N GLY A 42 5.97 8.69 -6.28
CA GLY A 42 5.59 9.58 -7.37
C GLY A 42 4.81 10.83 -6.98
N SER A 43 4.93 11.26 -5.72
CA SER A 43 3.98 12.22 -5.15
C SER A 43 4.65 13.41 -4.44
N PRO A 44 5.52 14.15 -5.12
CA PRO A 44 6.03 15.39 -4.56
C PRO A 44 4.86 16.36 -4.42
N GLY A 45 4.85 17.14 -3.35
CA GLY A 45 3.83 18.18 -3.17
C GLY A 45 2.76 17.92 -2.12
N VAL A 46 2.65 16.69 -1.62
CA VAL A 46 1.57 16.36 -0.65
C VAL A 46 1.65 17.25 0.59
N THR A 47 2.85 17.43 1.13
CA THR A 47 3.04 18.31 2.28
C THR A 47 2.50 19.73 2.04
N ALA A 48 2.80 20.30 0.88
CA ALA A 48 2.31 21.63 0.56
C ALA A 48 0.79 21.71 0.53
N VAL A 49 0.16 20.66 0.02
CA VAL A 49 -1.30 20.59 -0.04
C VAL A 49 -1.86 20.58 1.39
N ILE A 50 -1.31 19.70 2.20
CA ILE A 50 -1.72 19.59 3.60
C ILE A 50 -1.56 20.91 4.36
N GLU A 51 -0.44 21.57 4.17
CA GLU A 51 -0.20 22.80 4.91
CA GLU A 51 -0.14 22.86 4.82
C GLU A 51 -1.20 23.90 4.52
N GLN A 52 -1.60 23.96 3.25
CA GLN A 52 -2.63 24.92 2.80
CA GLN A 52 -2.62 24.91 2.80
C GLN A 52 -3.99 24.53 3.35
N LEU A 53 -4.39 23.27 3.16
CA LEU A 53 -5.73 22.85 3.59
C LEU A 53 -5.92 22.86 5.10
N GLY A 54 -4.86 22.56 5.84
CA GLY A 54 -4.92 22.59 7.30
C GLY A 54 -5.17 23.97 7.87
N LYS A 55 -4.73 25.01 7.17
CA LYS A 55 -5.07 26.38 7.57
C LYS A 55 -6.57 26.62 7.67
N ARG A 56 -7.35 26.05 6.76
CA ARG A 56 -8.80 26.25 6.73
C ARG A 56 -9.46 25.42 7.83
N LEU A 57 -8.83 24.32 8.17
CA LEU A 57 -9.39 23.41 9.15
C LEU A 57 -9.30 23.95 10.58
N VAL A 58 -8.26 24.71 10.92
CA VAL A 58 -8.15 25.25 12.28
C VAL A 58 -9.38 26.10 12.65
N GLY A 59 -9.97 25.81 13.81
CA GLY A 59 -11.19 26.45 14.26
C GLY A 59 -12.46 25.67 13.95
N ALA A 60 -12.37 24.69 13.05
CA ALA A 60 -13.50 23.83 12.70
C ALA A 60 -13.61 22.68 13.70
N SER A 61 -14.75 21.98 13.68
CA SER A 61 -14.97 20.86 14.58
C SER A 61 -14.16 19.67 14.14
N VAL A 62 -13.46 19.03 15.08
CA VAL A 62 -12.77 17.78 14.80
C VAL A 62 -13.73 16.66 14.42
N GLU A 64 -16.36 16.86 12.47
CA GLU A 64 -17.04 17.04 11.18
C GLU A 64 -16.08 16.74 10.02
N HIS A 65 -15.66 15.49 9.90
CA HIS A 65 -14.66 15.16 8.89
C HIS A 65 -15.21 15.17 7.47
N GLU A 66 -16.44 14.73 7.26
CA GLU A 66 -17.00 14.78 5.92
C GLU A 66 -17.30 16.22 5.46
N ARG A 67 -17.63 17.10 6.40
CA ARG A 67 -17.71 18.53 6.10
C ARG A 67 -16.38 19.04 5.57
N PHE A 68 -15.29 18.73 6.29
CA PHE A 68 -13.96 19.13 5.84
C PHE A 68 -13.68 18.57 4.44
N PHE A 69 -13.97 17.29 4.23
CA PHE A 69 -13.73 16.68 2.92
C PHE A 69 -14.51 17.40 1.82
N ALA A 70 -15.79 17.61 2.06
CA ALA A 70 -16.65 18.30 1.09
C ALA A 70 -16.08 19.69 0.76
N GLU A 71 -15.64 20.41 1.78
CA GLU A 71 -15.10 21.75 1.58
C GLU A 71 -13.79 21.68 0.80
N ALA A 72 -12.92 20.76 1.20
CA ALA A 72 -11.61 20.63 0.57
C ALA A 72 -11.73 20.24 -0.89
N TYR A 73 -12.66 19.34 -1.17
CA TYR A 73 -12.92 18.94 -2.53
C TYR A 73 -13.34 20.13 -3.38
N CYS A 74 -14.22 20.98 -2.84
CA CYS A 74 -14.59 22.22 -3.51
C CYS A 74 -13.41 23.14 -3.81
N LEU A 75 -12.58 23.38 -2.79
CA LEU A 75 -11.49 24.34 -2.90
C LEU A 75 -10.39 23.90 -3.88
N THR A 76 -10.25 22.60 -4.10
CA THR A 76 -9.24 22.03 -4.98
C THR A 76 -9.84 21.28 -6.18
N ARG A 77 -11.12 21.51 -6.45
CA ARG A 77 -11.87 20.73 -7.44
C ARG A 77 -11.17 20.65 -8.80
N PRO A 78 -10.60 21.79 -9.30
CA PRO A 78 -9.98 21.74 -10.63
C PRO A 78 -8.79 20.80 -10.78
N ALA A 79 -8.06 20.58 -9.70
CA ALA A 79 -6.85 19.75 -9.71
C ALA A 79 -6.97 18.55 -8.79
N THR A 80 -8.19 18.05 -8.67
CA THR A 80 -8.48 16.89 -7.84
C THR A 80 -7.80 15.61 -8.36
N GLY A 81 -7.65 14.67 -7.44
CA GLY A 81 -6.90 13.44 -7.68
C GLY A 81 -5.46 13.64 -7.32
N GLY A 82 -4.66 12.60 -7.49
CA GLY A 82 -3.22 12.70 -7.29
C GLY A 82 -2.83 13.34 -5.97
N VAL A 83 -1.86 14.22 -6.05
CA VAL A 83 -1.23 14.79 -4.85
C VAL A 83 -2.22 15.60 -4.02
N VAL A 84 -3.11 16.34 -4.68
CA VAL A 84 -4.18 17.06 -3.96
C VAL A 84 -5.04 16.09 -3.14
N SER A 85 -5.48 15.00 -3.77
CA SER A 85 -6.34 14.05 -3.07
C SER A 85 -5.59 13.30 -1.98
N GLU A 86 -4.28 13.07 -2.19
CA GLU A 86 -3.45 12.50 -1.12
C GLU A 86 -3.38 13.39 0.12
N GLY A 87 -3.28 14.70 -0.09
CA GLY A 87 -3.26 15.63 1.03
C GLY A 87 -4.57 15.60 1.80
N ILE A 88 -5.68 15.56 1.07
CA ILE A 88 -7.00 15.50 1.66
C ILE A 88 -7.16 14.20 2.47
N GLY A 89 -6.72 13.09 1.90
CA GLY A 89 -6.79 11.79 2.57
C GLY A 89 -5.98 11.73 3.83
N ALA A 90 -4.80 12.34 3.82
CA ALA A 90 -3.93 12.38 5.02
C ALA A 90 -4.61 13.15 6.16
N ILE A 91 -5.22 14.27 5.83
CA ILE A 91 -5.92 15.04 6.83
C ILE A 91 -7.13 14.26 7.34
N GLU A 92 -7.86 13.62 6.42
CA GLU A 92 -9.01 12.83 6.81
C GLU A 92 -8.61 11.76 7.83
N ASN A 93 -7.50 11.08 7.56
CA ASN A 93 -7.08 10.00 8.44
C ASN A 93 -6.64 10.50 9.83
N ALA A 94 -6.11 11.72 9.90
CA ALA A 94 -5.75 12.33 11.19
C ALA A 94 -7.03 12.75 11.95
N LEU A 95 -8.01 13.27 11.20
CA LEU A 95 -9.32 13.60 11.77
C LEU A 95 -10.00 12.39 12.36
N LEU A 96 -9.96 11.27 11.62
CA LEU A 96 -10.58 10.05 12.11
C LEU A 96 -9.94 9.60 13.41
N ASP A 97 -8.61 9.58 13.44
CA ASP A 97 -7.89 9.20 14.66
C ASP A 97 -8.31 10.08 15.85
N ALA A 98 -8.36 11.40 15.63
CA ALA A 98 -8.72 12.34 16.69
C ALA A 98 -10.16 12.14 17.16
N LYS A 99 -11.08 11.90 16.22
CA LYS A 99 -12.47 11.68 16.57
C LYS A 99 -12.63 10.38 17.37
N ALA A 100 -12.01 9.30 16.91
CA ALA A 100 -12.04 8.03 17.64
C ALA A 100 -11.50 8.19 19.06
N LYS A 101 -10.37 8.87 19.19
CA LYS A 101 -9.76 9.10 20.49
C LYS A 101 -10.66 9.96 21.40
N THR A 102 -11.27 10.97 20.82
CA THR A 102 -12.23 11.80 21.57
C THR A 102 -13.39 10.97 22.11
N LEU A 103 -13.85 10.00 21.31
CA LEU A 103 -14.92 9.09 21.71
C LEU A 103 -14.43 7.83 22.45
N ASN A 104 -13.12 7.73 22.65
CA ASN A 104 -12.48 6.65 23.39
C ASN A 104 -12.75 5.27 22.74
N VAL A 105 -12.64 5.20 21.42
CA VAL A 105 -12.87 3.96 20.68
C VAL A 105 -11.80 3.73 19.61
N PRO A 106 -11.54 2.46 19.24
CA PRO A 106 -10.70 2.20 18.06
C PRO A 106 -11.33 2.78 16.81
N CYS A 107 -10.54 3.09 15.79
CA CYS A 107 -11.10 3.69 14.60
C CYS A 107 -12.13 2.82 13.92
N TYR A 108 -12.03 1.49 14.02
CA TYR A 108 -13.05 0.64 13.37
C TYR A 108 -14.47 0.84 13.92
N GLU A 109 -14.58 1.38 15.13
CA GLU A 109 -15.86 1.72 15.76
CA GLU A 109 -15.89 1.70 15.72
C GLU A 109 -16.54 2.87 15.02
N LEU A 110 -15.77 3.64 14.27
CA LEU A 110 -16.32 4.70 13.40
C LEU A 110 -16.74 4.16 12.02
N LEU A 111 -16.34 2.93 11.69
CA LEU A 111 -16.42 2.44 10.31
C LEU A 111 -17.44 1.32 10.15
N GLY A 112 -18.34 1.18 11.14
CA GLY A 112 -19.38 0.13 11.10
C GLY A 112 -19.20 -0.93 12.16
N GLY A 113 -18.15 -0.76 12.99
CA GLY A 113 -17.79 -1.78 13.96
C GLY A 113 -16.89 -2.80 13.30
N LYS A 114 -16.21 -3.61 14.08
CA LYS A 114 -15.43 -4.68 13.43
C LYS A 114 -16.31 -5.84 13.07
N LEU A 115 -15.94 -6.54 12.01
CA LEU A 115 -16.58 -7.80 11.73
C LEU A 115 -15.59 -8.97 11.70
N ARG A 116 -14.30 -8.71 11.95
CA ARG A 116 -13.35 -9.78 12.18
C ARG A 116 -12.25 -9.24 13.12
N ASP A 117 -11.62 -10.16 13.84
CA ASP A 117 -10.60 -9.87 14.86
C ASP A 117 -9.19 -9.99 14.32
N ARG A 118 -9.03 -10.71 13.22
CA ARG A 118 -7.73 -10.93 12.61
C ARG A 118 -7.90 -10.92 11.13
N VAL A 119 -6.83 -10.57 10.42
CA VAL A 119 -6.84 -10.41 8.97
CA VAL A 119 -6.90 -10.53 8.98
C VAL A 119 -5.70 -11.21 8.35
N PRO A 120 -5.99 -12.17 7.44
CA PRO A 120 -4.86 -12.78 6.74
C PRO A 120 -4.08 -11.78 5.91
N VAL A 121 -2.76 -11.91 5.91
CA VAL A 121 -1.90 -11.05 5.14
C VAL A 121 -1.15 -11.83 4.08
N TYR A 122 -0.58 -11.08 3.14
CA TYR A 122 0.57 -11.55 2.40
C TYR A 122 1.79 -10.70 2.72
N TRP A 123 2.94 -11.37 2.72
CA TRP A 123 4.24 -10.72 2.91
C TRP A 123 4.65 -10.13 1.56
N SER A 124 4.55 -8.82 1.48
CA SER A 124 4.76 -8.11 0.25
C SER A 124 6.24 -7.79 0.07
N HIS A 125 6.60 -7.37 -1.14
CA HIS A 125 7.99 -7.04 -1.48
C HIS A 125 8.93 -8.12 -1.02
N CYS A 126 8.59 -9.35 -1.39
CA CYS A 126 9.25 -10.56 -0.93
C CYS A 126 9.61 -11.39 -2.15
N PRO A 127 10.90 -11.37 -2.56
CA PRO A 127 12.10 -10.83 -1.90
C PRO A 127 12.55 -9.45 -2.38
N THR A 128 11.61 -8.68 -2.92
CA THR A 128 11.90 -7.37 -3.52
C THR A 128 12.71 -6.42 -2.61
N TRP A 129 12.35 -6.32 -1.34
CA TRP A 129 13.06 -5.41 -0.43
C TRP A 129 14.50 -5.87 -0.17
N ARG A 130 14.71 -7.18 -0.03
CA ARG A 130 16.07 -7.69 0.20
C ARG A 130 16.95 -7.61 -1.04
N ILE A 131 16.34 -7.55 -2.21
CA ILE A 131 17.08 -7.40 -3.47
C ILE A 131 17.37 -5.94 -3.76
N ASN A 132 16.34 -5.11 -3.64
CA ASN A 132 16.38 -3.70 -4.05
C ASN A 132 16.91 -2.75 -2.99
N HIS A 133 16.70 -3.06 -1.71
CA HIS A 133 17.19 -2.17 -0.66
C HIS A 133 17.96 -2.94 0.42
N PRO A 134 19.01 -3.69 0.03
CA PRO A 134 19.70 -4.59 0.95
C PRO A 134 20.47 -3.90 2.08
N LYS A 135 20.78 -2.62 1.92
CA LYS A 135 21.39 -1.81 2.99
CA LYS A 135 21.41 -1.86 3.00
C LYS A 135 20.43 -1.67 4.16
N PHE A 136 19.12 -1.76 3.89
CA PHE A 136 18.08 -1.54 4.90
C PHE A 136 17.34 -2.78 5.35
N PHE A 137 17.20 -3.74 4.44
CA PHE A 137 16.46 -4.96 4.70
C PHE A 137 17.33 -6.14 4.35
N GLY A 138 17.71 -6.90 5.37
CA GLY A 138 18.55 -8.07 5.19
C GLY A 138 17.86 -9.35 5.61
N PRO A 139 18.51 -10.50 5.35
CA PRO A 139 19.79 -10.58 4.65
C PRO A 139 19.64 -10.24 3.15
N PRO A 140 20.68 -9.63 2.55
CA PRO A 140 20.62 -9.35 1.11
C PRO A 140 20.31 -10.60 0.28
N VAL A 141 19.55 -10.39 -0.79
CA VAL A 141 19.30 -11.42 -1.79
C VAL A 141 19.96 -11.00 -3.09
N THR A 142 20.85 -11.85 -3.59
CA THR A 142 21.67 -11.53 -4.76
C THR A 142 21.68 -12.61 -5.84
N ASP A 143 20.90 -13.68 -5.65
CA ASP A 143 20.89 -14.79 -6.61
C ASP A 143 19.61 -15.61 -6.45
N LEU A 144 19.43 -16.61 -7.32
CA LEU A 144 18.24 -17.44 -7.27
C LEU A 144 18.13 -18.24 -5.98
N ASP A 145 19.27 -18.66 -5.40
CA ASP A 145 19.23 -19.43 -4.15
CA ASP A 145 19.26 -19.43 -4.16
C ASP A 145 18.69 -18.57 -3.03
N GLY A 146 19.06 -17.30 -3.01
CA GLY A 146 18.52 -16.33 -2.06
C GLY A 146 17.02 -16.11 -2.18
N VAL A 147 16.53 -16.09 -3.42
CA VAL A 147 15.10 -16.03 -3.70
C VAL A 147 14.39 -17.23 -3.08
N LYS A 148 14.93 -18.41 -3.33
CA LYS A 148 14.35 -19.62 -2.79
C LYS A 148 14.35 -19.56 -1.26
N ARG A 149 15.47 -19.18 -0.67
CA ARG A 149 15.57 -19.12 0.79
C ARG A 149 14.60 -18.13 1.44
N THR A 150 14.36 -17.00 0.79
CA THR A 150 13.40 -16.04 1.29
C THR A 150 11.98 -16.62 1.35
N ALA A 151 11.58 -17.31 0.28
CA ALA A 151 10.28 -18.02 0.27
C ALA A 151 10.21 -19.12 1.35
N GLU A 152 11.30 -19.87 1.53
CA GLU A 152 11.38 -20.85 2.63
C GLU A 152 11.17 -20.19 3.99
N GLU A 153 11.76 -19.00 4.17
CA GLU A 153 11.61 -18.25 5.40
C GLU A 153 10.14 -17.86 5.62
N ALA A 154 9.49 -17.40 4.56
CA ALA A 154 8.08 -17.03 4.65
C ALA A 154 7.26 -18.24 5.09
N ARG A 155 7.52 -19.39 4.47
CA ARG A 155 6.84 -20.63 4.84
CA ARG A 155 6.83 -20.62 4.84
C ARG A 155 7.06 -20.97 6.31
N GLU A 156 8.30 -20.92 6.77
CA GLU A 156 8.59 -21.30 8.14
C GLU A 156 7.93 -20.40 9.15
N ARG A 157 7.81 -19.12 8.79
CA ARG A 157 7.26 -18.10 9.68
C ARG A 157 5.73 -18.06 9.63
N GLN A 158 5.16 -19.02 8.93
CA GLN A 158 3.73 -19.27 8.88
C GLN A 158 2.95 -18.26 8.06
N PHE A 159 3.64 -17.52 7.16
CA PHE A 159 2.94 -16.68 6.21
C PHE A 159 2.35 -17.54 5.11
N ARG A 160 1.17 -17.15 4.67
CA ARG A 160 0.35 -17.98 3.77
C ARG A 160 0.50 -17.54 2.33
N ALA A 161 1.11 -16.38 2.14
CA ALA A 161 1.23 -15.78 0.81
C ALA A 161 2.37 -14.80 0.78
N ILE A 162 2.97 -14.61 -0.40
CA ILE A 162 4.09 -13.72 -0.58
C ILE A 162 3.94 -13.06 -1.97
N LYS A 163 4.45 -11.84 -2.12
CA LYS A 163 4.38 -11.12 -3.39
C LYS A 163 5.70 -10.59 -3.88
N THR A 164 6.04 -10.93 -5.11
CA THR A 164 7.28 -10.51 -5.74
C THR A 164 6.99 -9.58 -6.93
N ASN A 165 8.05 -9.09 -7.56
CA ASN A 165 8.00 -8.15 -8.69
C ASN A 165 8.83 -8.76 -9.83
N ILE A 166 9.43 -7.95 -10.71
CA ILE A 166 10.13 -8.46 -11.87
C ILE A 166 11.62 -8.24 -11.66
N PHE A 167 12.39 -9.33 -11.82
CA PHE A 167 13.85 -9.33 -11.59
C PHE A 167 14.60 -9.97 -12.73
N ILE A 168 15.73 -9.35 -13.07
CA ILE A 168 16.65 -9.87 -14.06
C ILE A 168 17.85 -10.52 -13.37
N HIS A 169 17.99 -11.83 -13.58
CA HIS A 169 18.99 -12.65 -12.89
C HIS A 169 20.21 -12.99 -13.75
N ASP A 170 20.04 -12.99 -15.08
CA ASP A 170 21.09 -13.52 -15.97
C ASP A 170 21.80 -12.47 -16.83
N ASP A 171 21.76 -11.21 -16.40
CA ASP A 171 22.47 -10.13 -17.08
C ASP A 171 23.22 -9.27 -16.08
N GLY A 172 24.29 -9.82 -15.53
CA GLY A 172 25.06 -9.13 -14.50
C GLY A 172 24.41 -9.29 -13.13
N PRO A 173 24.79 -8.41 -12.17
CA PRO A 173 24.24 -8.44 -10.83
C PRO A 173 22.72 -8.38 -10.84
N LEU A 174 22.12 -9.23 -10.01
CA LEU A 174 20.66 -9.25 -9.86
C LEU A 174 20.10 -7.83 -9.72
N HIS A 175 19.13 -7.48 -10.56
CA HIS A 175 18.54 -6.13 -10.53
C HIS A 175 17.07 -6.14 -10.93
N ALA A 176 16.32 -5.15 -10.46
CA ALA A 176 14.89 -5.06 -10.70
C ALA A 176 14.66 -4.54 -12.11
N TRP A 177 13.54 -4.95 -12.69
CA TRP A 177 13.10 -4.46 -13.99
C TRP A 177 11.88 -3.57 -13.72
N ARG A 178 12.08 -2.25 -13.80
CA ARG A 178 11.04 -1.29 -13.45
C ARG A 178 10.94 -0.16 -14.49
N PRO A 179 10.85 -0.52 -15.79
CA PRO A 179 10.84 0.53 -16.83
C PRO A 179 9.65 1.50 -16.70
N GLY A 180 8.54 1.03 -16.15
CA GLY A 180 7.38 1.89 -15.90
C GLY A 180 7.70 3.08 -15.01
N PHE A 181 8.73 2.92 -14.17
CA PHE A 181 9.21 3.99 -13.29
C PHE A 181 10.60 4.47 -13.70
N ALA A 182 10.94 4.25 -14.97
CA ALA A 182 12.16 4.74 -15.59
C ALA A 182 13.46 4.11 -15.05
N VAL A 183 13.37 2.90 -14.47
CA VAL A 183 14.55 2.11 -14.12
C VAL A 183 14.45 0.71 -14.75
N PRO A 184 15.02 0.54 -15.95
CA PRO A 184 15.72 1.53 -16.76
C PRO A 184 14.79 2.42 -17.57
N PHE A 185 15.36 3.45 -18.20
CA PHE A 185 14.58 4.33 -19.06
C PHE A 185 14.41 3.65 -20.41
N GLN A 186 13.25 3.05 -20.60
CA GLN A 186 12.83 2.41 -21.85
C GLN A 186 11.34 2.62 -21.94
N PRO A 187 10.95 3.83 -22.36
CA PRO A 187 9.58 4.25 -22.09
C PRO A 187 8.51 3.53 -22.94
N ALA A 188 8.90 2.75 -23.94
CA ALA A 188 7.93 1.89 -24.67
C ALA A 188 7.42 0.73 -23.81
N LEU A 189 8.19 0.35 -22.79
CA LEU A 189 7.83 -0.73 -21.87
C LEU A 189 7.65 -2.05 -22.60
N ASN A 190 8.46 -2.28 -23.63
CA ASN A 190 8.40 -3.54 -24.36
C ASN A 190 8.86 -4.70 -23.47
N VAL A 191 8.24 -5.86 -23.67
CA VAL A 191 8.61 -7.09 -23.00
C VAL A 191 9.32 -8.00 -23.99
N ASP A 192 10.57 -8.35 -23.70
CA ASP A 192 11.32 -9.23 -24.58
C ASP A 192 11.62 -10.59 -23.94
N ARG A 193 12.32 -11.44 -24.67
CA ARG A 193 12.62 -12.77 -24.15
C ARG A 193 13.32 -12.73 -22.81
N LYS A 194 14.22 -11.78 -22.68
CA LYS A 194 15.00 -11.65 -21.47
C LYS A 194 14.08 -11.51 -20.26
N VAL A 195 13.06 -10.66 -20.37
CA VAL A 195 12.12 -10.44 -19.28
C VAL A 195 11.37 -11.73 -18.98
N LEU A 196 10.90 -12.39 -20.02
CA LEU A 196 10.09 -13.58 -19.83
C LEU A 196 10.88 -14.71 -19.18
N ARG A 197 12.10 -14.97 -19.66
CA ARG A 197 12.86 -16.10 -19.09
C ARG A 197 13.29 -15.81 -17.64
N ASN A 198 13.49 -14.55 -17.30
CA ASN A 198 13.89 -14.19 -15.95
C ASN A 198 12.73 -14.25 -14.96
N LEU A 199 11.55 -13.81 -15.40
CA LEU A 199 10.32 -14.03 -14.65
C LEU A 199 10.13 -15.52 -14.31
N ARG A 200 10.29 -16.36 -15.33
CA ARG A 200 10.13 -17.79 -15.14
C ARG A 200 11.15 -18.33 -14.12
N ALA A 201 12.43 -18.00 -14.33
CA ALA A 201 13.49 -18.48 -13.43
C ALA A 201 13.25 -18.05 -11.97
N HIS A 202 12.89 -16.79 -11.80
CA HIS A 202 12.62 -16.22 -10.49
C HIS A 202 11.46 -16.89 -9.79
N LEU A 203 10.33 -17.02 -10.49
CA LEU A 203 9.14 -17.64 -9.93
C LEU A 203 9.32 -19.13 -9.64
N GLU A 204 10.06 -19.82 -10.50
CA GLU A 204 10.39 -21.24 -10.21
C GLU A 204 11.20 -21.41 -8.92
N ALA A 205 12.20 -20.55 -8.71
CA ALA A 205 12.96 -20.52 -7.45
C ALA A 205 12.08 -20.19 -6.26
N LEU A 206 11.23 -19.18 -6.41
CA LEU A 206 10.31 -18.81 -5.34
C LEU A 206 9.37 -19.97 -4.97
N ARG A 207 8.82 -20.66 -5.97
CA ARG A 207 7.92 -21.78 -5.74
C ARG A 207 8.66 -22.94 -5.07
N ASP A 208 9.92 -23.14 -5.48
CA ASP A 208 10.77 -24.19 -4.91
CA ASP A 208 10.75 -24.20 -4.90
C ASP A 208 10.91 -23.98 -3.40
N GLY A 209 11.14 -22.73 -3.00
CA GLY A 209 11.25 -22.37 -1.59
C GLY A 209 9.92 -22.32 -0.85
N ALA A 210 8.89 -21.87 -1.54
CA ALA A 210 7.57 -21.65 -0.91
C ALA A 210 6.91 -22.98 -0.54
N GLY A 211 7.18 -24.01 -1.34
CA GLY A 211 6.40 -25.22 -1.31
C GLY A 211 5.07 -24.98 -1.99
N PRO A 212 4.22 -26.03 -2.02
CA PRO A 212 3.00 -26.01 -2.81
C PRO A 212 1.82 -25.30 -2.16
N ASP A 213 1.90 -25.03 -0.85
CA ASP A 213 0.76 -24.46 -0.15
C ASP A 213 0.77 -22.93 -0.06
N VAL A 214 1.95 -22.35 0.16
CA VAL A 214 2.10 -20.91 0.23
C VAL A 214 1.71 -20.30 -1.12
N GLU A 215 0.92 -19.23 -1.09
CA GLU A 215 0.45 -18.59 -2.32
C GLU A 215 1.48 -17.61 -2.81
N ILE A 216 1.63 -17.52 -4.14
CA ILE A 216 2.57 -16.57 -4.73
C ILE A 216 1.81 -15.54 -5.58
N LEU A 217 2.01 -14.26 -5.24
CA LEU A 217 1.43 -13.14 -5.95
C LEU A 217 2.52 -12.51 -6.79
N LEU A 218 2.15 -12.00 -7.96
CA LEU A 218 3.11 -11.32 -8.87
C LEU A 218 2.62 -9.91 -9.18
N ASP A 219 3.44 -8.91 -8.87
CA ASP A 219 3.13 -7.52 -9.15
C ASP A 219 3.96 -7.03 -10.34
N LEU A 220 3.27 -6.65 -11.41
CA LEU A 220 3.91 -6.10 -12.60
C LEU A 220 3.86 -4.59 -12.70
N ASN A 221 3.23 -3.96 -11.71
CA ASN A 221 3.12 -2.50 -11.64
C ASN A 221 2.70 -1.92 -13.00
N PHE A 222 3.35 -0.86 -13.46
CA PHE A 222 3.05 -0.21 -14.75
C PHE A 222 4.14 -0.62 -15.77
N ASN A 223 4.72 -1.82 -15.64
CA ASN A 223 5.95 -2.15 -16.39
C ASN A 223 5.82 -2.70 -17.82
N ALA A 224 4.60 -2.67 -18.35
CA ALA A 224 4.32 -3.06 -19.72
C ALA A 224 3.11 -2.33 -20.28
N LYS A 225 2.89 -2.54 -21.58
CA LYS A 225 1.62 -2.20 -22.22
C LYS A 225 0.78 -3.48 -22.27
N PRO A 226 -0.53 -3.34 -22.55
CA PRO A 226 -1.37 -4.53 -22.72
C PRO A 226 -0.74 -5.65 -23.53
N GLU A 227 -0.13 -5.32 -24.68
CA GLU A 227 0.58 -6.31 -25.45
C GLU A 227 1.54 -7.17 -24.62
N GLY A 228 2.36 -6.49 -23.83
CA GLY A 228 3.38 -7.14 -23.02
C GLY A 228 2.80 -7.87 -21.84
N TYR A 229 1.75 -7.33 -21.22
CA TYR A 229 1.08 -8.03 -20.13
C TYR A 229 0.53 -9.36 -20.65
N LEU A 230 -0.07 -9.36 -21.84
CA LEU A 230 -0.57 -10.61 -22.45
C LEU A 230 0.56 -11.60 -22.68
N LYS A 231 1.70 -11.11 -23.17
CA LYS A 231 2.86 -11.98 -23.37
C LYS A 231 3.32 -12.62 -22.07
N ILE A 232 3.34 -11.84 -20.99
CA ILE A 232 3.76 -12.35 -19.69
C ILE A 232 2.77 -13.38 -19.19
N LEU A 233 1.48 -13.09 -19.32
CA LEU A 233 0.46 -14.02 -18.81
C LEU A 233 0.46 -15.34 -19.58
N ARG A 234 0.67 -15.29 -20.89
CA ARG A 234 0.81 -16.49 -21.73
CA ARG A 234 0.71 -16.52 -21.65
C ARG A 234 1.99 -17.32 -21.30
N GLU A 235 3.12 -16.65 -21.11
CA GLU A 235 4.34 -17.32 -20.69
C GLU A 235 4.14 -18.04 -19.36
N LEU A 236 3.39 -17.42 -18.46
CA LEU A 236 3.21 -17.91 -17.09
C LEU A 236 1.89 -18.62 -16.89
N ALA A 237 1.33 -19.12 -17.98
CA ALA A 237 0.01 -19.71 -17.98
C ALA A 237 -0.06 -20.90 -17.05
N ASP A 238 1.07 -21.61 -16.94
CA ASP A 238 1.03 -22.84 -16.14
CA ASP A 238 1.26 -22.86 -16.18
C ASP A 238 1.49 -22.67 -14.67
N PHE A 239 1.81 -21.44 -14.27
CA PHE A 239 2.09 -21.16 -12.87
C PHE A 239 0.82 -21.04 -12.04
N ASP A 240 0.95 -21.34 -10.75
CA ASP A 240 -0.15 -21.21 -9.82
C ASP A 240 0.05 -19.89 -9.12
N LEU A 241 -0.64 -18.85 -9.59
CA LEU A 241 -0.52 -17.51 -9.05
C LEU A 241 -1.83 -17.05 -8.42
N PHE A 242 -1.73 -16.57 -7.18
CA PHE A 242 -2.85 -16.05 -6.38
C PHE A 242 -3.47 -14.84 -7.12
N TRP A 243 -2.60 -13.96 -7.61
CA TRP A 243 -3.03 -12.90 -8.52
C TRP A 243 -1.83 -12.37 -9.26
N VAL A 244 -2.13 -11.74 -10.39
CA VAL A 244 -1.17 -10.94 -11.13
C VAL A 244 -1.68 -9.50 -11.10
N GLU A 245 -0.84 -8.60 -10.61
CA GLU A 245 -1.23 -7.24 -10.31
C GLU A 245 -0.69 -6.37 -11.42
N ILE A 246 -1.60 -5.61 -12.04
CA ILE A 246 -1.27 -4.80 -13.23
C ILE A 246 -1.92 -3.43 -13.05
N ASP A 247 -1.10 -2.38 -12.98
CA ASP A 247 -1.59 -1.02 -12.97
C ASP A 247 -1.72 -0.47 -14.38
N SER A 248 -2.86 0.17 -14.64
CA SER A 248 -3.18 0.70 -15.96
C SER A 248 -4.14 1.85 -15.85
N TYR A 249 -3.95 2.83 -16.72
CA TYR A 249 -4.91 3.91 -16.86
C TYR A 249 -5.82 3.68 -18.06
N SER A 250 -5.83 2.46 -18.57
CA SER A 250 -6.72 2.07 -19.68
C SER A 250 -7.67 0.98 -19.22
N PRO A 251 -8.88 1.36 -18.79
CA PRO A 251 -9.81 0.31 -18.41
C PRO A 251 -10.10 -0.68 -19.55
N GLN A 252 -10.19 -0.19 -20.78
CA GLN A 252 -10.45 -1.11 -21.90
CA GLN A 252 -10.40 -1.05 -21.96
C GLN A 252 -9.25 -2.04 -22.12
N GLY A 253 -8.04 -1.54 -22.02
CA GLY A 253 -6.85 -2.37 -22.18
C GLY A 253 -6.69 -3.38 -21.05
N LEU A 254 -6.90 -2.94 -19.82
CA LEU A 254 -6.79 -3.88 -18.68
C LEU A 254 -7.87 -4.95 -18.78
N ALA A 255 -9.07 -4.57 -19.21
CA ALA A 255 -10.16 -5.54 -19.38
C ALA A 255 -9.83 -6.57 -20.45
N TYR A 256 -9.19 -6.15 -21.52
CA TYR A 256 -8.76 -7.06 -22.57
C TYR A 256 -7.78 -8.07 -21.99
N VAL A 257 -6.80 -7.57 -21.23
CA VAL A 257 -5.80 -8.43 -20.60
C VAL A 257 -6.48 -9.44 -19.67
N ARG A 258 -7.38 -8.96 -18.83
CA ARG A 258 -8.00 -9.85 -17.87
C ARG A 258 -8.78 -10.94 -18.61
N ASN A 259 -9.52 -10.53 -19.64
CA ASN A 259 -10.31 -11.48 -20.43
C ASN A 259 -9.50 -12.65 -20.97
N HIS A 260 -8.20 -12.40 -21.20
CA HIS A 260 -7.27 -13.40 -21.71
C HIS A 260 -6.31 -13.99 -20.67
N SER A 261 -6.61 -13.74 -19.38
CA SER A 261 -5.74 -14.18 -18.30
C SER A 261 -6.23 -15.47 -17.68
N PRO A 262 -5.32 -16.43 -17.46
CA PRO A 262 -5.67 -17.62 -16.70
C PRO A 262 -5.52 -17.41 -15.19
N HIS A 263 -5.06 -16.23 -14.79
CA HIS A 263 -4.85 -15.89 -13.40
C HIS A 263 -5.76 -14.74 -12.97
N PRO A 264 -6.13 -14.72 -11.67
CA PRO A 264 -6.82 -13.53 -11.19
C PRO A 264 -5.99 -12.27 -11.39
N ILE A 265 -6.66 -11.19 -11.79
CA ILE A 265 -6.01 -9.91 -12.00
C ILE A 265 -6.44 -8.94 -10.89
N SER A 266 -5.45 -8.31 -10.27
CA SER A 266 -5.69 -7.22 -9.36
C SER A 266 -5.14 -5.92 -9.94
N SER A 267 -5.75 -4.80 -9.54
CA SER A 267 -5.31 -3.48 -9.95
C SER A 267 -5.90 -2.43 -9.01
N CYS A 268 -5.58 -1.18 -9.33
CA CYS A 268 -6.28 0.02 -8.87
C CYS A 268 -5.60 0.72 -7.70
N GLU A 269 -4.43 0.28 -7.29
CA GLU A 269 -3.77 0.85 -6.10
C GLU A 269 -3.55 2.35 -6.19
N THR A 270 -3.52 2.90 -7.41
CA THR A 270 -3.25 4.33 -7.60
C THR A 270 -4.49 5.19 -7.81
N LEU A 271 -5.69 4.61 -7.71
CA LEU A 271 -6.88 5.32 -8.09
C LEU A 271 -7.58 5.98 -6.93
N PHE A 272 -8.32 7.05 -7.25
CA PHE A 272 -8.98 7.86 -6.23
C PHE A 272 -10.50 7.94 -6.44
N GLY A 273 -11.25 7.52 -5.42
CA GLY A 273 -12.68 7.70 -5.36
C GLY A 273 -13.46 6.70 -6.18
N ILE A 274 -14.75 6.56 -5.89
CA ILE A 274 -15.61 5.76 -6.74
C ILE A 274 -15.47 6.16 -8.21
N ARG A 275 -15.41 7.47 -8.49
CA ARG A 275 -15.32 7.95 -9.88
C ARG A 275 -14.21 7.28 -10.69
N GLU A 276 -13.04 7.11 -10.09
CA GLU A 276 -11.94 6.53 -10.85
C GLU A 276 -12.00 5.01 -10.95
N PHE A 277 -12.59 4.35 -9.96
CA PHE A 277 -12.71 2.90 -9.97
C PHE A 277 -13.78 2.48 -10.96
N LYS A 278 -14.81 3.31 -11.10
CA LYS A 278 -16.00 2.98 -11.88
C LYS A 278 -15.73 2.47 -13.31
N PRO A 279 -14.90 3.16 -14.08
CA PRO A 279 -14.72 2.68 -15.45
C PRO A 279 -14.11 1.28 -15.50
N PHE A 280 -13.27 0.95 -14.53
CA PHE A 280 -12.67 -0.37 -14.45
C PHE A 280 -13.70 -1.43 -14.10
N PHE A 281 -14.57 -1.13 -13.13
CA PHE A 281 -15.59 -2.11 -12.78
C PHE A 281 -16.59 -2.28 -13.92
N ASP A 282 -16.96 -1.17 -14.55
CA ASP A 282 -17.91 -1.24 -15.67
C ASP A 282 -17.38 -2.10 -16.83
N ALA A 283 -16.05 -2.06 -17.02
CA ALA A 283 -15.36 -2.83 -18.05
C ALA A 283 -15.03 -4.28 -17.68
N ASN A 284 -15.39 -4.74 -16.48
CA ASN A 284 -14.99 -6.07 -16.01
C ASN A 284 -13.48 -6.22 -15.99
N ALA A 285 -12.77 -5.17 -15.60
CA ALA A 285 -11.31 -5.16 -15.73
C ALA A 285 -10.56 -5.90 -14.61
N VAL A 286 -11.17 -6.15 -13.45
CA VAL A 286 -10.44 -6.73 -12.32
C VAL A 286 -11.17 -7.86 -11.59
N ASP A 287 -10.39 -8.85 -11.13
CA ASP A 287 -10.87 -9.77 -10.11
C ASP A 287 -10.89 -9.14 -8.71
N VAL A 288 -9.82 -8.40 -8.39
CA VAL A 288 -9.61 -7.79 -7.07
C VAL A 288 -9.23 -6.32 -7.25
N ALA A 289 -9.89 -5.48 -6.47
CA ALA A 289 -9.61 -4.04 -6.43
C ALA A 289 -8.74 -3.70 -5.24
N ILE A 290 -7.56 -3.17 -5.52
CA ILE A 290 -6.66 -2.71 -4.48
C ILE A 290 -7.00 -1.26 -4.18
N VAL A 291 -7.16 -0.94 -2.89
CA VAL A 291 -7.61 0.40 -2.50
C VAL A 291 -6.54 0.98 -1.62
N ASP A 292 -6.02 2.15 -2.01
CA ASP A 292 -5.06 2.86 -1.13
C ASP A 292 -5.78 3.82 -0.20
N THR A 293 -5.97 3.39 1.05
CA THR A 293 -6.73 4.17 2.01
C THR A 293 -5.86 5.28 2.61
N ILE A 294 -4.54 5.15 2.46
CA ILE A 294 -3.61 6.18 2.93
C ILE A 294 -3.76 7.41 2.02
N TRP A 295 -3.84 7.13 0.72
CA TRP A 295 -4.11 8.13 -0.29
C TRP A 295 -5.53 8.69 -0.26
N ASN A 296 -6.53 7.80 -0.22
CA ASN A 296 -7.92 8.24 -0.37
C ASN A 296 -8.49 8.79 0.92
N GLY A 297 -7.94 8.36 2.05
CA GLY A 297 -8.62 8.50 3.34
C GLY A 297 -9.47 7.30 3.57
N VAL A 298 -9.52 6.83 4.83
CA VAL A 298 -10.29 5.63 5.13
C VAL A 298 -11.80 5.81 4.96
N TRP A 299 -12.35 6.98 5.29
CA TRP A 299 -13.79 7.20 5.08
C TRP A 299 -14.14 7.12 3.60
N GLN A 300 -13.34 7.77 2.76
CA GLN A 300 -13.57 7.69 1.32
C GLN A 300 -13.43 6.24 0.84
N SER A 301 -12.48 5.51 1.43
CA SER A 301 -12.23 4.12 1.06
C SER A 301 -13.40 3.21 1.40
N LYS A 303 -16.46 4.07 1.07
CA LYS A 303 -17.35 4.31 -0.04
C LYS A 303 -16.94 3.45 -1.22
N ILE A 304 -15.65 3.42 -1.52
CA ILE A 304 -15.11 2.60 -2.60
C ILE A 304 -15.36 1.10 -2.33
N ALA A 305 -15.13 0.66 -1.08
CA ALA A 305 -15.38 -0.74 -0.73
C ALA A 305 -16.84 -1.15 -0.93
N ALA A 306 -17.77 -0.28 -0.57
CA ALA A 306 -19.19 -0.54 -0.77
C ALA A 306 -19.56 -0.61 -2.23
N PHE A 307 -18.92 0.24 -3.04
CA PHE A 307 -19.12 0.24 -4.48
C PHE A 307 -18.65 -1.08 -5.08
N ALA A 308 -17.45 -1.51 -4.69
CA ALA A 308 -16.91 -2.79 -5.10
C ALA A 308 -17.82 -3.94 -4.67
N ASP A 309 -18.32 -3.87 -3.44
CA ASP A 309 -19.19 -4.91 -2.92
C ASP A 309 -20.40 -5.14 -3.83
N ALA A 310 -20.96 -4.05 -4.38
CA ALA A 310 -22.15 -4.16 -5.22
C ALA A 310 -21.86 -4.82 -6.56
N HIS A 311 -20.59 -4.78 -6.97
CA HIS A 311 -20.07 -5.48 -8.14
C HIS A 311 -19.55 -6.89 -7.79
N ASP A 312 -19.72 -7.31 -6.55
CA ASP A 312 -19.16 -8.59 -6.07
C ASP A 312 -17.67 -8.68 -6.32
N ILE A 313 -16.97 -7.58 -6.04
CA ILE A 313 -15.55 -7.47 -6.08
C ILE A 313 -15.01 -7.28 -4.66
N ASN A 314 -14.04 -8.10 -4.29
CA ASN A 314 -13.38 -7.95 -3.02
C ASN A 314 -12.20 -7.02 -3.15
N VAL A 315 -11.87 -6.36 -2.03
CA VAL A 315 -10.83 -5.35 -2.03
C VAL A 315 -9.66 -5.73 -1.16
N ALA A 316 -8.50 -5.18 -1.49
CA ALA A 316 -7.29 -5.35 -0.71
C ALA A 316 -6.62 -4.02 -0.45
N PRO A 317 -6.26 -3.73 0.81
CA PRO A 317 -5.58 -2.47 1.06
C PRO A 317 -4.19 -2.42 0.46
N HIS A 318 -3.78 -1.23 0.00
CA HIS A 318 -2.43 -1.00 -0.49
C HIS A 318 -1.64 -0.53 0.73
N ASN A 319 -0.69 -1.32 1.17
CA ASN A 319 -0.01 -1.07 2.44
C ASN A 319 1.44 -1.53 2.35
N PHE A 320 2.34 -0.56 2.18
CA PHE A 320 3.77 -0.83 2.06
C PHE A 320 4.63 0.31 2.64
N TYR A 321 4.15 0.89 3.74
CA TYR A 321 4.81 2.02 4.36
C TYR A 321 5.20 1.64 5.79
N GLY A 322 5.08 2.57 6.75
CA GLY A 322 5.41 2.30 8.15
C GLY A 322 4.27 1.68 8.98
N HIS A 323 4.54 1.48 10.27
CA HIS A 323 3.57 0.83 11.16
C HIS A 323 2.26 1.57 11.26
N LEU A 324 2.27 2.90 11.26
CA LEU A 324 1.00 3.64 11.32
C LEU A 324 0.11 3.35 10.11
N CYS A 325 0.67 3.36 8.90
CA CYS A 325 -0.11 2.94 7.74
C CYS A 325 -0.69 1.55 7.91
N THR A 326 0.10 0.62 8.47
CA THR A 326 -0.43 -0.74 8.71
C THR A 326 -1.64 -0.74 9.64
N ILE A 328 -3.66 1.85 10.22
CA ILE A 328 -4.75 2.53 9.53
C ILE A 328 -5.50 1.51 8.68
N ASN A 329 -4.72 0.78 7.87
CA ASN A 329 -5.27 -0.27 7.01
C ASN A 329 -5.92 -1.41 7.78
N ALA A 330 -5.38 -1.73 8.95
CA ALA A 330 -5.93 -2.79 9.80
C ALA A 330 -7.35 -2.46 10.23
N ASN A 331 -7.59 -1.20 10.53
CA ASN A 331 -8.91 -0.76 10.93
C ASN A 331 -9.93 -0.83 9.79
N PHE A 332 -9.50 -0.41 8.60
CA PHE A 332 -10.28 -0.59 7.37
C PHE A 332 -10.59 -2.07 7.13
N ALA A 333 -9.57 -2.92 7.19
CA ALA A 333 -9.71 -4.35 6.98
C ALA A 333 -10.62 -5.01 8.01
N ALA A 334 -10.63 -4.50 9.23
CA ALA A 334 -11.52 -5.03 10.26
C ALA A 334 -13.02 -4.83 9.95
N ALA A 335 -13.34 -3.72 9.26
CA ALA A 335 -14.71 -3.28 9.04
C ALA A 335 -15.32 -3.70 7.70
N VAL A 336 -14.49 -3.98 6.69
CA VAL A 336 -14.98 -4.20 5.34
C VAL A 336 -15.35 -5.67 5.12
N PRO A 337 -16.62 -5.95 4.76
CA PRO A 337 -16.98 -7.37 4.58
C PRO A 337 -16.23 -8.02 3.42
N ASN A 338 -16.19 -7.31 2.31
CA ASN A 338 -15.65 -7.84 1.04
C ASN A 338 -14.13 -7.65 0.96
N LEU A 339 -13.43 -8.28 1.91
CA LEU A 339 -11.97 -8.12 2.05
C LEU A 339 -11.27 -9.33 1.45
N ARG A 340 -10.45 -9.10 0.43
CA ARG A 340 -9.69 -10.19 -0.20
C ARG A 340 -8.59 -10.74 0.67
N ILE A 341 -7.76 -9.82 1.17
CA ILE A 341 -6.52 -10.11 1.90
C ILE A 341 -5.90 -8.77 2.26
N GLU A 343 -2.22 -6.56 2.48
CA GLU A 343 -0.81 -6.43 2.17
C GLU A 343 -0.06 -5.93 3.38
N THR A 344 1.11 -6.48 3.62
CA THR A 344 2.01 -5.89 4.57
C THR A 344 3.44 -6.26 4.21
N ASP A 345 4.38 -5.35 4.50
CA ASP A 345 5.79 -5.68 4.39
C ASP A 345 6.26 -6.24 5.72
N ILE A 346 6.85 -7.43 5.69
CA ILE A 346 7.34 -8.04 6.90
C ILE A 346 8.80 -7.67 7.14
N ASP A 347 9.54 -7.34 6.08
CA ASP A 347 10.89 -6.80 6.22
C ASP A 347 10.75 -5.41 6.82
N ARG A 348 11.43 -5.14 7.93
CA ARG A 348 11.30 -3.86 8.59
C ARG A 348 12.66 -3.21 8.77
N LEU A 349 12.68 -1.88 8.78
CA LEU A 349 13.86 -1.11 9.15
C LEU A 349 14.30 -1.40 10.57
N ALA A 350 15.60 -1.31 10.79
CA ALA A 350 16.19 -1.56 12.10
C ALA A 350 15.64 -0.61 13.17
N TRP A 351 15.17 0.57 12.77
CA TRP A 351 14.60 1.57 13.70
C TRP A 351 13.07 1.73 13.63
N GLU A 352 12.40 0.85 12.88
CA GLU A 352 10.96 0.98 12.70
C GLU A 352 10.23 1.05 14.04
N ASP A 353 10.59 0.14 14.93
CA ASP A 353 9.85 0.01 16.19
C ASP A 353 10.08 1.21 17.09
N GLU A 354 11.23 1.88 16.97
CA GLU A 354 11.53 3.10 17.73
CA GLU A 354 11.52 3.09 17.74
C GLU A 354 10.56 4.23 17.40
N LEU A 355 10.10 4.26 16.15
CA LEU A 355 9.30 5.38 15.67
C LEU A 355 7.87 5.42 16.16
N PHE A 356 7.36 4.29 16.66
CA PHE A 356 5.95 4.17 17.01
C PHE A 356 5.76 3.58 18.40
N THR A 357 4.68 3.95 19.06
CA THR A 357 4.38 3.42 20.38
C THR A 357 4.07 1.94 20.38
N HIS A 358 3.40 1.46 19.32
CA HIS A 358 3.03 0.05 19.17
C HIS A 358 3.33 -0.52 17.79
N ALA A 359 3.73 -1.79 17.76
CA ALA A 359 4.02 -2.49 16.53
C ALA A 359 2.87 -3.43 16.21
N PRO A 360 2.57 -3.63 14.94
CA PRO A 360 1.62 -4.66 14.52
C PRO A 360 2.03 -6.05 14.99
N GLU A 361 1.04 -6.84 15.40
CA GLU A 361 1.28 -8.19 15.88
CA GLU A 361 1.21 -8.20 15.92
C GLU A 361 0.68 -9.20 14.91
N TYR A 362 1.51 -10.18 14.53
CA TYR A 362 1.10 -11.21 13.60
C TYR A 362 1.12 -12.55 14.33
N GLN A 363 0.18 -13.42 14.01
CA GLN A 363 0.17 -14.76 14.53
C GLN A 363 -0.43 -15.67 13.50
N ASN A 364 0.25 -16.78 13.22
CA ASN A 364 -0.21 -17.75 12.22
C ASN A 364 -0.66 -17.13 10.92
N GLY A 365 0.17 -16.23 10.40
CA GLY A 365 -0.07 -15.61 9.11
C GLY A 365 -1.17 -14.55 9.07
N GLU A 366 -1.65 -14.13 10.24
CA GLU A 366 -2.67 -13.08 10.31
C GLU A 366 -2.23 -11.91 11.16
N LEU A 367 -2.73 -10.73 10.80
CA LEU A 367 -2.55 -9.51 11.57
C LEU A 367 -3.66 -9.44 12.60
N ILE A 368 -3.27 -9.22 13.85
CA ILE A 368 -4.22 -9.05 14.94
C ILE A 368 -4.70 -7.60 14.93
N ILE A 369 -6.01 -7.40 14.93
CA ILE A 369 -6.57 -6.04 14.95
C ILE A 369 -6.57 -5.52 16.38
N PRO A 370 -5.89 -4.40 16.63
CA PRO A 370 -5.84 -3.92 18.01
C PRO A 370 -7.15 -3.24 18.43
N ASP A 371 -7.30 -3.01 19.73
CA ASP A 371 -8.50 -2.41 20.31
C ASP A 371 -8.19 -1.18 21.17
N ARG A 372 -7.20 -0.40 20.78
CA ARG A 372 -6.86 0.83 21.49
C ARG A 372 -7.60 2.01 20.85
N PRO A 373 -7.82 3.11 21.60
CA PRO A 373 -8.43 4.26 20.95
C PRO A 373 -7.62 4.76 19.74
N GLY A 374 -8.30 5.11 18.68
CA GLY A 374 -7.66 5.56 17.44
C GLY A 374 -7.18 4.40 16.59
N TRP A 375 -6.16 4.66 15.78
CA TRP A 375 -5.69 3.69 14.83
C TRP A 375 -5.00 2.49 15.46
N GLY A 376 -4.37 2.67 16.63
CA GLY A 376 -3.66 1.59 17.32
C GLY A 376 -2.16 1.83 17.58
N THR A 377 -1.62 2.90 17.03
CA THR A 377 -0.22 3.29 17.27
C THR A 377 -0.03 4.78 17.02
N ASP A 378 0.93 5.37 17.73
CA ASP A 378 1.27 6.79 17.58
C ASP A 378 2.72 6.91 17.17
N PRO A 379 3.02 7.79 16.21
CA PRO A 379 4.41 8.18 16.02
C PRO A 379 4.96 8.81 17.28
N VAL A 380 6.25 8.66 17.51
CA VAL A 380 6.93 9.15 18.71
C VAL A 380 7.79 10.35 18.30
N GLU A 381 7.46 11.54 18.79
CA GLU A 381 8.08 12.76 18.29
C GLU A 381 9.60 12.78 18.48
N GLU A 382 10.08 12.34 19.64
CA GLU A 382 11.51 12.35 19.90
C GLU A 382 12.24 11.39 18.97
N ALA A 383 11.63 10.25 18.68
CA ALA A 383 12.20 9.26 17.76
C ALA A 383 12.29 9.80 16.33
N ILE A 384 11.23 10.50 15.92
CA ILE A 384 11.21 11.15 14.60
C ILE A 384 12.39 12.10 14.47
N LEU A 385 12.64 12.87 15.52
CA LEU A 385 13.74 13.83 15.47
C LEU A 385 15.13 13.16 15.50
N ALA A 386 15.19 11.95 16.05
CA ALA A 386 16.43 11.17 16.06
C ALA A 386 16.74 10.54 14.72
N HIS A 387 15.77 10.53 13.80
CA HIS A 387 15.93 10.02 12.44
C HIS A 387 15.55 11.06 11.39
N PRO A 388 16.35 12.12 11.28
CA PRO A 388 16.04 13.21 10.35
C PRO A 388 15.92 12.74 8.90
N PRO A 389 14.99 13.32 8.15
CA PRO A 389 14.75 12.88 6.78
C PRO A 389 15.89 13.26 5.84
N LYS A 390 15.99 12.52 4.73
CA LYS A 390 16.90 12.85 3.63
C LYS A 390 16.09 13.56 2.58
N VAL A 391 16.71 13.90 1.45
CA VAL A 391 15.95 14.43 0.36
C VAL A 391 15.01 13.32 -0.10
N GLY A 393 13.28 10.32 -1.73
CA GLY A 393 13.75 9.07 -2.33
C GLY A 393 12.58 8.42 -3.07
N GLY A 394 12.33 7.15 -2.81
CA GLY A 394 11.26 6.43 -3.49
C GLY A 394 11.54 6.40 -4.98
N LEU A 395 10.52 6.65 -5.80
CA LEU A 395 10.70 6.67 -7.25
C LEU A 395 11.57 7.82 -7.72
N LEU A 396 11.70 8.87 -6.89
CA LEU A 396 12.40 10.08 -7.28
C LEU A 396 13.83 10.09 -6.80
N GLN A 397 14.35 8.91 -6.41
CA GLN A 397 15.76 8.72 -6.07
C GLN A 397 16.58 8.76 -7.36
#